data_8CKN
#
_entry.id   8CKN
#
_cell.length_a   42.202
_cell.length_b   48.734
_cell.length_c   54.045
_cell.angle_alpha   112.090
_cell.angle_beta   98.850
_cell.angle_gamma   109.110
#
_symmetry.space_group_name_H-M   'P 1'
#
loop_
_entity.id
_entity.type
_entity.pdbx_description
1 polymer 'P450 heme-thiolate protein'
2 non-polymer 'PROTOPORPHYRIN IX CONTAINING FE'
3 non-polymer DI(HYDROXYETHYL)ETHER
4 non-polymer GLYCEROL
5 non-polymer 'CHLORIDE ION'
6 water water
#
_entity_poly.entity_id   1
_entity_poly.type   'polypeptide(L)'
_entity_poly.pdbx_seq_one_letter_code
;GMTTPGEDHAGSFYLPRLEYSTLPMAVDRGVGWKTLRDAGPVVFMNGWYYLTRREDVLAALRNPKVFSSRKALQPPGNPL
PVVPLAFDPPEHTRYRRILQPYFSPAALSKALPSLRRHTVAMIDAIAGRGECEAMADLANLFPFQLFLVLYGLPLEDRDR
LIGWKDAVIAMSDRPHPTEADVAAARELLEYLTAMVAERRRNPGPDVLSQVQIGEDPLSEIEVLGLSHLLILAGLDTVTA
AVGFSLLELARRPQLRAMLRDNPKQIRVFIEEIVRLEPSAPVAPRVTTEPVTVGGMTLPAGSPVRLCMAAVNRDGSDAMS
TDELVMDGKVHRHWGFGGGPHRCLGSHLARLELTLLVGEWLNQIPDFELAPDYAPEIRFPSKSFALKNLPLRWS
;
_entity_poly.pdbx_strand_id   A
#
loop_
_chem_comp.id
_chem_comp.type
_chem_comp.name
_chem_comp.formula
CL non-polymer 'CHLORIDE ION' 'Cl -1'
GOL non-polymer GLYCEROL 'C3 H8 O3'
HEM non-polymer 'PROTOPORPHYRIN IX CONTAINING FE' 'C34 H32 Fe N4 O4'
PEG non-polymer DI(HYDROXYETHYL)ETHER 'C4 H10 O3'
#
# COMPACT_ATOMS: atom_id res chain seq x y z
N GLY A 11 -29.99 -5.86 -21.88
CA GLY A 11 -28.73 -6.58 -21.87
C GLY A 11 -27.61 -5.81 -22.53
N SER A 12 -26.38 -6.00 -22.04
CA SER A 12 -25.22 -5.29 -22.52
C SER A 12 -24.29 -6.28 -23.22
N PHE A 13 -24.19 -6.15 -24.56
CA PHE A 13 -23.50 -7.15 -25.37
C PHE A 13 -22.28 -6.59 -26.09
N TYR A 14 -21.88 -5.37 -25.78
CA TYR A 14 -20.79 -4.67 -26.48
C TYR A 14 -19.77 -4.26 -25.43
N LEU A 15 -18.73 -5.07 -25.35
CA LEU A 15 -17.71 -4.94 -24.29
C LEU A 15 -16.72 -3.85 -24.66
N PRO A 16 -16.62 -2.77 -23.88
CA PRO A 16 -15.57 -1.78 -24.14
C PRO A 16 -14.20 -2.39 -23.91
N ARG A 17 -13.25 -2.01 -24.76
CA ARG A 17 -11.88 -2.49 -24.66
CA ARG A 17 -11.87 -2.49 -24.66
C ARG A 17 -10.93 -1.31 -24.77
N LEU A 18 -9.94 -1.25 -23.88
CA LEU A 18 -8.90 -0.24 -23.92
C LEU A 18 -7.55 -0.92 -23.77
N GLU A 19 -6.51 -0.25 -24.28
CA GLU A 19 -5.13 -0.67 -24.05
C GLU A 19 -4.65 0.03 -22.78
N TYR A 20 -4.26 -0.77 -21.79
CA TYR A 20 -3.88 -0.21 -20.49
C TYR A 20 -2.74 0.80 -20.64
N SER A 21 -1.74 0.46 -21.45
CA SER A 21 -0.53 1.28 -21.54
C SER A 21 -0.80 2.68 -22.08
N THR A 22 -1.94 2.89 -22.75
CA THR A 22 -2.27 4.19 -23.32
C THR A 22 -3.09 5.06 -22.39
N LEU A 23 -3.49 4.56 -21.23
CA LEU A 23 -4.24 5.41 -20.32
C LEU A 23 -3.40 6.62 -19.94
N PRO A 24 -3.99 7.82 -19.89
CA PRO A 24 -3.23 9.03 -19.55
C PRO A 24 -3.06 9.17 -18.03
N MET A 25 -2.09 8.42 -17.52
CA MET A 25 -1.93 8.23 -16.09
C MET A 25 -0.64 8.81 -15.52
N ALA A 26 0.37 9.09 -16.35
CA ALA A 26 1.67 9.50 -15.81
C ALA A 26 1.60 10.84 -15.09
N VAL A 27 0.81 11.78 -15.63
CA VAL A 27 0.82 13.15 -15.13
C VAL A 27 -0.27 13.39 -14.11
N ASP A 28 -1.48 12.89 -14.37
CA ASP A 28 -2.65 13.19 -13.55
C ASP A 28 -3.49 11.93 -13.44
N ARG A 29 -3.55 11.34 -12.25
CA ARG A 29 -4.35 10.13 -12.09
C ARG A 29 -5.84 10.42 -12.28
N GLY A 30 -6.28 11.64 -11.98
CA GLY A 30 -7.67 11.98 -12.22
C GLY A 30 -8.06 11.79 -13.67
N VAL A 31 -7.22 12.28 -14.58
CA VAL A 31 -7.51 12.13 -15.99
C VAL A 31 -7.48 10.65 -16.40
N GLY A 32 -6.51 9.91 -15.87
CA GLY A 32 -6.42 8.50 -16.21
C GLY A 32 -7.65 7.72 -15.77
N TRP A 33 -8.07 7.90 -14.52
CA TRP A 33 -9.21 7.14 -14.04
C TRP A 33 -10.51 7.61 -14.70
N LYS A 34 -10.62 8.90 -15.02
CA LYS A 34 -11.80 9.38 -15.71
C LYS A 34 -11.91 8.75 -17.10
N THR A 35 -10.77 8.65 -17.80
CA THR A 35 -10.78 8.00 -19.11
C THR A 35 -11.30 6.58 -19.02
N LEU A 36 -10.85 5.85 -18.00
CA LEU A 36 -11.30 4.48 -17.81
C LEU A 36 -12.76 4.43 -17.37
N ARG A 37 -13.15 5.25 -16.39
CA ARG A 37 -14.53 5.22 -15.89
C ARG A 37 -15.51 5.58 -16.99
N ASP A 38 -15.17 6.55 -17.83
CA ASP A 38 -16.08 6.99 -18.89
C ASP A 38 -16.24 5.97 -20.00
N ALA A 39 -15.31 5.02 -20.10
CA ALA A 39 -15.44 3.98 -21.13
C ALA A 39 -16.58 3.01 -20.83
N GLY A 40 -16.97 2.89 -19.57
CA GLY A 40 -18.11 2.06 -19.21
C GLY A 40 -17.96 1.43 -17.85
N PRO A 41 -19.03 0.81 -17.34
CA PRO A 41 -18.93 0.14 -16.04
C PRO A 41 -18.05 -1.08 -16.05
N VAL A 42 -17.92 -1.74 -17.21
CA VAL A 42 -17.04 -2.89 -17.40
C VAL A 42 -16.15 -2.57 -18.60
N VAL A 43 -14.84 -2.59 -18.40
CA VAL A 43 -13.89 -2.27 -19.45
C VAL A 43 -12.82 -3.35 -19.47
N PHE A 44 -12.64 -3.99 -20.62
CA PHE A 44 -11.65 -5.05 -20.76
C PHE A 44 -10.32 -4.41 -21.14
N MET A 45 -9.29 -4.66 -20.34
CA MET A 45 -7.94 -4.27 -20.70
C MET A 45 -6.99 -5.42 -20.40
N ASN A 46 -6.35 -5.91 -21.45
CA ASN A 46 -5.21 -6.81 -21.36
C ASN A 46 -5.51 -8.01 -20.46
N GLY A 47 -6.64 -8.64 -20.75
CA GLY A 47 -6.99 -9.89 -20.17
C GLY A 47 -7.89 -9.83 -18.96
N TRP A 48 -8.16 -8.63 -18.44
CA TRP A 48 -8.94 -8.46 -17.23
C TRP A 48 -10.15 -7.58 -17.48
N TYR A 49 -11.26 -7.90 -16.80
CA TYR A 49 -12.44 -7.04 -16.78
C TYR A 49 -12.31 -6.05 -15.64
N TYR A 50 -12.19 -4.76 -15.97
CA TYR A 50 -12.12 -3.71 -14.96
C TYR A 50 -13.52 -3.24 -14.64
N LEU A 51 -13.88 -3.30 -13.36
CA LEU A 51 -15.14 -2.75 -12.87
C LEU A 51 -14.86 -1.35 -12.34
N THR A 52 -15.51 -0.35 -12.94
CA THR A 52 -15.11 1.03 -12.76
C THR A 52 -16.06 1.86 -11.90
N ARG A 53 -17.22 1.34 -11.52
CA ARG A 53 -18.25 2.14 -10.89
C ARG A 53 -18.47 1.74 -9.44
N ARG A 54 -18.72 2.76 -8.60
CA ARG A 54 -18.81 2.58 -7.16
C ARG A 54 -19.76 1.45 -6.76
N GLU A 55 -20.96 1.44 -7.34
CA GLU A 55 -21.96 0.47 -6.91
C GLU A 55 -21.44 -0.96 -7.08
N ASP A 56 -20.74 -1.22 -8.17
CA ASP A 56 -20.25 -2.56 -8.46
C ASP A 56 -18.96 -2.86 -7.70
N VAL A 57 -18.06 -1.89 -7.62
CA VAL A 57 -16.77 -2.11 -6.95
C VAL A 57 -16.98 -2.43 -5.48
N LEU A 58 -17.80 -1.64 -4.80
CA LEU A 58 -17.98 -1.85 -3.36
C LEU A 58 -18.74 -3.15 -3.08
N ALA A 59 -19.78 -3.44 -3.87
CA ALA A 59 -20.48 -4.70 -3.69
C ALA A 59 -19.54 -5.87 -3.91
N ALA A 60 -18.67 -5.78 -4.92
CA ALA A 60 -17.76 -6.88 -5.23
C ALA A 60 -16.73 -7.07 -4.12
N LEU A 61 -16.14 -5.97 -3.64
CA LEU A 61 -15.21 -6.05 -2.52
C LEU A 61 -15.87 -6.69 -1.31
N ARG A 62 -17.15 -6.42 -1.10
CA ARG A 62 -17.87 -6.93 0.06
C ARG A 62 -18.40 -8.34 -0.13
N ASN A 63 -18.19 -8.96 -1.29
CA ASN A 63 -18.72 -10.30 -1.58
C ASN A 63 -17.58 -11.26 -1.92
N PRO A 64 -16.86 -11.75 -0.91
CA PRO A 64 -15.76 -12.68 -1.18
C PRO A 64 -16.22 -14.04 -1.72
N LYS A 65 -17.45 -14.44 -1.45
CA LYS A 65 -17.93 -15.72 -1.97
C LYS A 65 -18.02 -15.69 -3.49
N VAL A 66 -18.48 -14.58 -4.05
CA VAL A 66 -18.64 -14.42 -5.49
C VAL A 66 -17.36 -13.90 -6.13
N PHE A 67 -16.67 -12.96 -5.49
CA PHE A 67 -15.45 -12.34 -6.03
C PHE A 67 -14.28 -12.83 -5.19
N SER A 68 -13.68 -13.93 -5.62
CA SER A 68 -12.69 -14.63 -4.83
C SER A 68 -11.33 -13.96 -4.90
N SER A 69 -10.68 -13.85 -3.75
CA SER A 69 -9.28 -13.45 -3.69
C SER A 69 -8.35 -14.62 -3.95
N ARG A 70 -8.65 -15.77 -3.34
CA ARG A 70 -7.80 -16.94 -3.52
C ARG A 70 -7.64 -17.30 -5.00
N LYS A 71 -8.74 -17.28 -5.75
CA LYS A 71 -8.65 -17.66 -7.16
C LYS A 71 -7.81 -16.67 -7.96
N ALA A 72 -7.70 -15.42 -7.49
CA ALA A 72 -6.91 -14.41 -8.20
C ALA A 72 -5.47 -14.36 -7.75
N LEU A 73 -5.18 -14.77 -6.52
CA LEU A 73 -3.90 -14.51 -5.90
C LEU A 73 -3.16 -15.73 -5.39
N GLN A 74 -3.76 -16.92 -5.41
CA GLN A 74 -3.02 -18.12 -5.00
C GLN A 74 -1.97 -18.45 -6.04
N PRO A 75 -0.68 -18.46 -5.71
CA PRO A 75 0.34 -18.71 -6.72
C PRO A 75 0.32 -20.16 -7.18
N PRO A 76 0.98 -20.44 -8.31
CA PRO A 76 1.15 -21.82 -8.79
C PRO A 76 2.25 -22.52 -7.99
N GLY A 77 2.43 -23.80 -8.32
CA GLY A 77 3.46 -24.58 -7.64
C GLY A 77 3.05 -24.87 -6.20
N ASN A 78 4.03 -24.81 -5.30
CA ASN A 78 3.82 -25.03 -3.87
C ASN A 78 4.49 -23.88 -3.13
N PRO A 79 3.82 -22.74 -3.03
CA PRO A 79 4.47 -21.55 -2.51
C PRO A 79 4.26 -21.43 -1.01
N LEU A 80 5.00 -20.51 -0.41
CA LEU A 80 4.66 -20.06 0.92
C LEU A 80 3.23 -19.51 0.90
N PRO A 81 2.40 -19.81 1.89
CA PRO A 81 1.03 -19.28 1.85
C PRO A 81 1.02 -17.78 1.98
N VAL A 82 0.21 -17.11 1.17
CA VAL A 82 0.16 -15.64 1.16
C VAL A 82 -0.87 -15.23 2.20
N VAL A 83 -0.45 -15.31 3.46
CA VAL A 83 -1.34 -15.06 4.60
C VAL A 83 -1.45 -13.57 4.89
N PRO A 84 -2.67 -12.95 4.82
CA PRO A 84 -4.00 -13.50 4.53
C PRO A 84 -4.56 -13.12 3.17
N LEU A 85 -3.75 -12.42 2.38
CA LEU A 85 -4.22 -11.80 1.14
C LEU A 85 -4.87 -12.80 0.19
N ALA A 86 -4.30 -14.00 0.05
CA ALA A 86 -4.77 -14.95 -0.95
C ALA A 86 -5.73 -15.98 -0.39
N PHE A 87 -6.41 -15.68 0.70
CA PHE A 87 -7.36 -16.60 1.30
C PHE A 87 -8.77 -16.05 1.23
N ASP A 88 -9.74 -16.96 1.13
CA ASP A 88 -11.15 -16.65 1.23
C ASP A 88 -11.69 -17.14 2.58
N PRO A 89 -12.84 -16.64 3.01
CA PRO A 89 -13.49 -17.24 4.17
C PRO A 89 -13.76 -18.71 3.90
N PRO A 90 -13.68 -19.56 4.94
CA PRO A 90 -13.47 -19.23 6.36
C PRO A 90 -12.02 -19.06 6.78
N GLU A 91 -11.08 -19.54 5.97
CA GLU A 91 -9.66 -19.44 6.34
C GLU A 91 -9.25 -17.99 6.52
N HIS A 92 -9.72 -17.12 5.63
CA HIS A 92 -9.36 -15.70 5.73
C HIS A 92 -9.89 -15.09 7.02
N THR A 93 -11.11 -15.45 7.39
CA THR A 93 -11.72 -14.90 8.59
C THR A 93 -10.91 -15.27 9.83
N ARG A 94 -10.41 -16.50 9.89
CA ARG A 94 -9.58 -16.89 11.02
C ARG A 94 -8.30 -16.07 11.07
N TYR A 95 -7.64 -15.89 9.93
CA TYR A 95 -6.41 -15.12 9.92
C TYR A 95 -6.65 -13.69 10.38
N ARG A 96 -7.73 -13.06 9.92
CA ARG A 96 -7.99 -11.67 10.29
C ARG A 96 -8.33 -11.57 11.78
N ARG A 97 -9.08 -12.54 12.29
CA ARG A 97 -9.38 -12.54 13.72
CA ARG A 97 -9.38 -12.54 13.72
C ARG A 97 -8.10 -12.65 14.56
N ILE A 98 -7.15 -13.46 14.10
CA ILE A 98 -5.90 -13.64 14.84
C ILE A 98 -5.04 -12.37 14.78
N LEU A 99 -5.01 -11.73 13.61
CA LEU A 99 -4.09 -10.61 13.42
C LEU A 99 -4.64 -9.26 13.84
N GLN A 100 -5.97 -9.11 13.90
CA GLN A 100 -6.58 -7.81 14.17
C GLN A 100 -6.03 -7.13 15.42
N PRO A 101 -5.91 -7.80 16.56
CA PRO A 101 -5.49 -7.08 17.79
C PRO A 101 -4.11 -6.46 17.70
N TYR A 102 -3.23 -6.97 16.85
CA TYR A 102 -1.88 -6.42 16.76
C TYR A 102 -1.82 -5.18 15.89
N PHE A 103 -2.82 -4.99 15.04
CA PHE A 103 -2.81 -3.91 14.06
C PHE A 103 -3.82 -2.80 14.34
N SER A 104 -4.45 -2.80 15.51
CA SER A 104 -5.43 -1.79 15.82
C SER A 104 -4.75 -0.45 16.13
N PRO A 105 -5.49 0.66 16.02
CA PRO A 105 -4.92 1.94 16.45
C PRO A 105 -4.38 1.91 17.86
N ALA A 106 -5.11 1.27 18.79
CA ALA A 106 -4.70 1.26 20.19
C ALA A 106 -3.41 0.47 20.38
N ALA A 107 -3.30 -0.67 19.70
CA ALA A 107 -2.07 -1.47 19.81
C ALA A 107 -0.88 -0.74 19.22
N LEU A 108 -1.07 -0.12 18.05
CA LEU A 108 0.05 0.53 17.39
C LEU A 108 0.44 1.83 18.09
N SER A 109 -0.52 2.50 18.74
CA SER A 109 -0.19 3.73 19.44
C SER A 109 0.90 3.52 20.47
N LYS A 110 1.01 2.32 21.03
CA LYS A 110 2.04 2.06 22.02
C LYS A 110 3.44 2.11 21.41
N ALA A 111 3.56 1.93 20.10
CA ALA A 111 4.85 2.01 19.43
C ALA A 111 5.24 3.44 19.08
N LEU A 112 4.35 4.41 19.25
CA LEU A 112 4.59 5.74 18.70
C LEU A 112 5.87 6.39 19.23
N PRO A 113 6.19 6.36 20.53
CA PRO A 113 7.46 6.98 20.96
C PRO A 113 8.66 6.45 20.21
N SER A 114 8.73 5.13 20.00
CA SER A 114 9.86 4.54 19.27
CA SER A 114 9.86 4.55 19.28
C SER A 114 9.84 4.95 17.81
N LEU A 115 8.67 4.89 17.17
CA LEU A 115 8.59 5.27 15.76
C LEU A 115 8.93 6.75 15.58
N ARG A 116 8.47 7.59 16.50
CA ARG A 116 8.79 9.01 16.42
C ARG A 116 10.29 9.26 16.57
N ARG A 117 10.91 8.58 17.54
CA ARG A 117 12.34 8.76 17.75
C ARG A 117 13.12 8.42 16.48
N HIS A 118 12.75 7.33 15.81
CA HIS A 118 13.45 6.93 14.61
C HIS A 118 13.14 7.86 13.44
N THR A 119 11.90 8.34 13.35
CA THR A 119 11.54 9.30 12.31
C THR A 119 12.33 10.59 12.49
N VAL A 120 12.39 11.09 13.72
CA VAL A 120 13.14 12.32 13.99
C VAL A 120 14.59 12.17 13.57
N ALA A 121 15.20 11.03 13.88
CA ALA A 121 16.60 10.83 13.52
C ALA A 121 16.79 10.86 12.01
N MET A 122 15.82 10.32 11.27
CA MET A 122 15.94 10.27 9.82
C MET A 122 15.84 11.68 9.23
N ILE A 123 14.91 12.49 9.77
CA ILE A 123 14.79 13.87 9.31
C ILE A 123 16.02 14.67 9.72
N ASP A 124 16.57 14.38 10.91
CA ASP A 124 17.75 15.09 11.39
C ASP A 124 18.88 15.06 10.37
N ALA A 125 19.10 13.89 9.76
CA ALA A 125 20.21 13.71 8.83
C ALA A 125 19.98 14.44 7.50
N ILE A 126 18.75 14.85 7.22
CA ILE A 126 18.41 15.47 5.95
C ILE A 126 18.32 17.00 6.08
N ALA A 127 17.82 17.50 7.20
CA ALA A 127 17.38 18.89 7.26
C ALA A 127 18.52 19.87 6.98
N GLY A 128 19.74 19.54 7.41
CA GLY A 128 20.86 20.43 7.21
C GLY A 128 21.33 20.55 5.78
N ARG A 129 20.82 19.72 4.87
CA ARG A 129 21.33 19.70 3.51
C ARG A 129 20.74 20.81 2.65
N GLY A 130 19.54 21.28 2.96
CA GLY A 130 18.85 22.23 2.10
C GLY A 130 18.32 21.65 0.81
N GLU A 131 18.39 20.33 0.65
CA GLU A 131 17.96 19.69 -0.58
C GLU A 131 17.91 18.19 -0.33
N CYS A 132 17.09 17.52 -1.13
CA CYS A 132 17.14 16.07 -1.18
C CYS A 132 16.31 15.63 -2.38
N GLU A 133 16.47 14.38 -2.73
CA GLU A 133 15.59 13.69 -3.65
C GLU A 133 14.79 12.76 -2.75
N ALA A 134 13.53 13.14 -2.48
CA ALA A 134 12.83 12.59 -1.33
C ALA A 134 12.51 11.11 -1.47
N MET A 135 12.44 10.56 -2.69
CA MET A 135 12.23 9.11 -2.81
C MET A 135 13.46 8.33 -2.39
N ALA A 136 14.59 8.52 -3.07
CA ALA A 136 15.78 7.75 -2.72
C ALA A 136 16.25 8.06 -1.30
N ASP A 137 16.14 9.33 -0.88
CA ASP A 137 16.79 9.78 0.34
C ASP A 137 15.93 9.60 1.58
N LEU A 138 14.64 9.32 1.44
CA LEU A 138 13.79 9.16 2.61
C LEU A 138 12.66 8.16 2.36
N ALA A 139 11.81 8.40 1.36
CA ALA A 139 10.61 7.59 1.21
C ALA A 139 10.95 6.11 1.00
N ASN A 140 12.03 5.83 0.27
CA ASN A 140 12.42 4.45 -0.02
C ASN A 140 13.00 3.72 1.18
N LEU A 141 13.44 4.46 2.20
CA LEU A 141 14.16 3.92 3.34
C LEU A 141 13.31 3.86 4.61
N PHE A 142 12.43 4.85 4.77
CA PHE A 142 11.66 5.03 5.99
C PHE A 142 10.76 3.85 6.34
N PRO A 143 9.98 3.28 5.43
CA PRO A 143 9.13 2.16 5.85
C PRO A 143 9.90 0.97 6.37
N PHE A 144 10.98 0.55 5.71
CA PHE A 144 11.67 -0.61 6.23
C PHE A 144 12.38 -0.29 7.55
N GLN A 145 12.88 0.95 7.71
CA GLN A 145 13.46 1.33 8.98
C GLN A 145 12.47 1.11 10.11
N LEU A 146 11.23 1.60 9.95
CA LEU A 146 10.24 1.45 11.00
C LEU A 146 9.78 0.00 11.14
N PHE A 147 9.80 -0.76 10.05
CA PHE A 147 9.48 -2.18 10.13
C PHE A 147 10.47 -2.90 11.04
N LEU A 148 11.77 -2.63 10.89
CA LEU A 148 12.76 -3.25 11.76
C LEU A 148 12.50 -2.89 13.21
N VAL A 149 12.14 -1.63 13.45
CA VAL A 149 11.83 -1.17 14.80
C VAL A 149 10.60 -1.88 15.34
N LEU A 150 9.55 -1.98 14.52
CA LEU A 150 8.30 -2.52 15.01
C LEU A 150 8.43 -3.99 15.40
N TYR A 151 9.16 -4.77 14.59
CA TYR A 151 9.19 -6.21 14.74
C TYR A 151 10.52 -6.70 15.30
N GLY A 152 11.35 -5.80 15.80
CA GLY A 152 12.53 -6.20 16.54
C GLY A 152 13.61 -6.86 15.71
N LEU A 153 13.83 -6.40 14.49
CA LEU A 153 14.87 -6.95 13.66
C LEU A 153 16.13 -6.08 13.73
N PRO A 154 17.30 -6.66 13.49
CA PRO A 154 18.53 -5.86 13.60
C PRO A 154 18.52 -4.67 12.64
N LEU A 155 18.76 -3.49 13.19
CA LEU A 155 18.71 -2.28 12.38
C LEU A 155 19.78 -2.31 11.29
N GLU A 156 20.91 -2.97 11.54
CA GLU A 156 21.98 -3.01 10.55
C GLU A 156 21.61 -3.84 9.32
N ASP A 157 20.49 -4.55 9.34
CA ASP A 157 20.07 -5.38 8.21
C ASP A 157 19.23 -4.62 7.19
N ARG A 158 19.02 -3.32 7.37
CA ARG A 158 18.11 -2.59 6.50
C ARG A 158 18.57 -2.62 5.05
N ASP A 159 19.87 -2.40 4.80
CA ASP A 159 20.34 -2.33 3.42
C ASP A 159 20.05 -3.62 2.67
N ARG A 160 20.40 -4.77 3.26
CA ARG A 160 20.22 -6.00 2.51
C ARG A 160 18.75 -6.40 2.44
N LEU A 161 17.96 -6.07 3.46
CA LEU A 161 16.53 -6.36 3.41
C LEU A 161 15.84 -5.53 2.33
N ILE A 162 16.20 -4.26 2.20
CA ILE A 162 15.64 -3.45 1.14
C ILE A 162 16.03 -4.02 -0.23
N GLY A 163 17.29 -4.42 -0.37
CA GLY A 163 17.72 -5.01 -1.63
C GLY A 163 16.96 -6.27 -1.99
N TRP A 164 16.73 -7.14 -1.01
CA TRP A 164 15.95 -8.35 -1.25
C TRP A 164 14.53 -8.01 -1.66
N LYS A 165 13.89 -7.12 -0.91
CA LYS A 165 12.54 -6.69 -1.22
C LYS A 165 12.44 -6.19 -2.65
N ASP A 166 13.37 -5.31 -3.04
CA ASP A 166 13.31 -4.72 -4.38
C ASP A 166 13.46 -5.79 -5.44
N ALA A 167 14.34 -6.77 -5.19
CA ALA A 167 14.56 -7.84 -6.16
C ALA A 167 13.33 -8.72 -6.28
N VAL A 168 12.72 -9.07 -5.15
CA VAL A 168 11.54 -9.94 -5.18
C VAL A 168 10.37 -9.23 -5.84
N ILE A 169 10.17 -7.95 -5.56
CA ILE A 169 9.06 -7.22 -6.18
C ILE A 169 9.26 -7.15 -7.69
N ALA A 170 10.48 -6.85 -8.14
CA ALA A 170 10.72 -6.65 -9.56
C ALA A 170 10.58 -7.94 -10.36
N MET A 171 10.81 -9.08 -9.72
CA MET A 171 10.79 -10.36 -10.43
C MET A 171 9.42 -11.03 -10.39
N SER A 172 8.49 -10.55 -9.56
CA SER A 172 7.22 -11.24 -9.39
C SER A 172 6.50 -11.42 -10.72
N ASP A 173 6.28 -10.32 -11.44
CA ASP A 173 5.61 -10.37 -12.74
C ASP A 173 6.67 -10.44 -13.83
N ARG A 174 7.13 -11.67 -14.10
CA ARG A 174 8.16 -11.87 -15.10
C ARG A 174 8.56 -13.34 -15.21
N PRO A 175 8.26 -14.00 -16.32
CA PRO A 175 8.86 -15.32 -16.58
C PRO A 175 10.34 -15.18 -16.88
N HIS A 176 11.07 -16.28 -16.66
CA HIS A 176 12.51 -16.30 -16.86
C HIS A 176 13.19 -15.44 -15.81
N PRO A 177 13.34 -15.94 -14.58
CA PRO A 177 13.96 -15.13 -13.53
C PRO A 177 15.47 -15.11 -13.64
N THR A 178 16.04 -13.92 -13.46
CA THR A 178 17.48 -13.75 -13.52
C THR A 178 18.16 -14.51 -12.38
N GLU A 179 19.41 -14.91 -12.62
CA GLU A 179 20.16 -15.64 -11.60
C GLU A 179 20.25 -14.84 -10.31
N ALA A 180 20.55 -13.54 -10.41
CA ALA A 180 20.59 -12.71 -9.21
C ALA A 180 19.23 -12.66 -8.52
N ASP A 181 18.15 -12.67 -9.30
CA ASP A 181 16.81 -12.60 -8.73
C ASP A 181 16.50 -13.80 -7.85
N VAL A 182 16.87 -15.00 -8.29
CA VAL A 182 16.53 -16.18 -7.49
C VAL A 182 17.38 -16.25 -6.23
N ALA A 183 18.63 -15.78 -6.31
CA ALA A 183 19.47 -15.78 -5.12
C ALA A 183 18.91 -14.86 -4.05
N ALA A 184 18.43 -13.67 -4.45
CA ALA A 184 17.87 -12.72 -3.48
C ALA A 184 16.63 -13.32 -2.81
N ALA A 185 15.76 -13.95 -3.60
CA ALA A 185 14.58 -14.58 -3.04
C ALA A 185 14.96 -15.66 -2.04
N ARG A 186 15.98 -16.47 -2.37
CA ARG A 186 16.41 -17.53 -1.47
C ARG A 186 17.03 -16.97 -0.20
N GLU A 187 17.82 -15.90 -0.33
CA GLU A 187 18.44 -15.30 0.85
C GLU A 187 17.40 -14.69 1.77
N LEU A 188 16.40 -14.02 1.21
CA LEU A 188 15.32 -13.48 2.04
C LEU A 188 14.58 -14.59 2.77
N LEU A 189 14.24 -15.67 2.04
CA LEU A 189 13.54 -16.80 2.66
C LEU A 189 14.36 -17.37 3.81
N GLU A 190 15.65 -17.63 3.58
CA GLU A 190 16.51 -18.18 4.62
CA GLU A 190 16.50 -18.18 4.62
C GLU A 190 16.57 -17.24 5.82
N TYR A 191 16.68 -15.94 5.57
CA TYR A 191 16.75 -14.97 6.66
C TYR A 191 15.48 -15.01 7.51
N LEU A 192 14.33 -14.95 6.86
CA LEU A 192 13.06 -14.94 7.59
C LEU A 192 12.79 -16.27 8.28
N THR A 193 13.19 -17.38 7.67
CA THR A 193 12.97 -18.69 8.27
C THR A 193 13.69 -18.80 9.61
N ALA A 194 14.96 -18.39 9.64
CA ALA A 194 15.72 -18.45 10.88
C ALA A 194 15.06 -17.62 11.98
N MET A 195 14.70 -16.38 11.65
CA MET A 195 14.00 -15.53 12.60
C MET A 195 12.75 -16.20 13.16
N VAL A 196 11.88 -16.70 12.28
CA VAL A 196 10.59 -17.20 12.74
C VAL A 196 10.79 -18.40 13.64
N ALA A 197 11.76 -19.25 13.32
CA ALA A 197 12.04 -20.42 14.17
C ALA A 197 12.52 -19.98 15.56
N GLU A 198 13.40 -18.98 15.62
CA GLU A 198 13.88 -18.50 16.91
C GLU A 198 12.75 -17.93 17.75
N ARG A 199 11.83 -17.19 17.10
CA ARG A 199 10.70 -16.61 17.82
C ARG A 199 9.76 -17.66 18.37
N ARG A 200 9.66 -18.81 17.71
CA ARG A 200 8.82 -19.88 18.24
C ARG A 200 9.46 -20.54 19.45
N ARG A 201 10.79 -20.65 19.46
CA ARG A 201 11.50 -21.27 20.57
CA ARG A 201 11.49 -21.27 20.57
C ARG A 201 11.58 -20.33 21.78
N ASN A 202 11.74 -19.04 21.54
CA ASN A 202 11.94 -18.05 22.60
C ASN A 202 11.03 -16.86 22.37
N PRO A 203 9.72 -17.04 22.55
CA PRO A 203 8.76 -15.98 22.22
C PRO A 203 8.91 -14.78 23.16
N GLY A 204 9.14 -13.61 22.58
CA GLY A 204 9.13 -12.37 23.32
C GLY A 204 7.76 -11.72 23.23
N PRO A 205 7.62 -10.50 23.77
CA PRO A 205 6.33 -9.81 23.74
C PRO A 205 5.95 -9.23 22.38
N ASP A 206 6.63 -9.62 21.31
CA ASP A 206 6.42 -9.05 19.98
C ASP A 206 5.42 -9.86 19.16
N VAL A 207 4.97 -9.26 18.06
CA VAL A 207 3.88 -9.82 17.26
C VAL A 207 4.27 -11.19 16.69
N LEU A 208 5.45 -11.28 16.07
CA LEU A 208 5.80 -12.50 15.35
C LEU A 208 6.03 -13.67 16.31
N SER A 209 6.37 -13.37 17.57
CA SER A 209 6.37 -14.41 18.60
C SER A 209 4.94 -14.77 18.99
N GLN A 210 4.13 -13.75 19.30
CA GLN A 210 2.85 -14.02 19.97
C GLN A 210 1.85 -14.73 19.08
N VAL A 211 1.89 -14.51 17.76
CA VAL A 211 0.95 -15.19 16.88
C VAL A 211 1.25 -16.68 16.79
N GLN A 212 2.40 -17.12 17.28
CA GLN A 212 2.79 -18.53 17.24
C GLN A 212 2.44 -19.28 18.51
N ILE A 213 1.88 -18.60 19.51
CA ILE A 213 1.45 -19.22 20.75
C ILE A 213 0.03 -18.77 21.06
N GLY A 214 -0.49 -19.25 22.19
CA GLY A 214 -1.87 -18.99 22.56
C GLY A 214 -2.79 -20.13 22.16
N GLU A 215 -4.09 -19.80 22.08
CA GLU A 215 -5.10 -20.82 21.86
C GLU A 215 -5.18 -21.27 20.41
N ASP A 216 -4.91 -20.39 19.46
CA ASP A 216 -4.97 -20.72 18.03
C ASP A 216 -3.70 -20.21 17.34
N PRO A 217 -2.59 -20.94 17.49
CA PRO A 217 -1.31 -20.45 16.97
C PRO A 217 -1.15 -20.65 15.47
N LEU A 218 -0.48 -19.69 14.83
CA LEU A 218 -0.05 -19.85 13.46
C LEU A 218 1.18 -20.74 13.40
N SER A 219 1.30 -21.49 12.31
CA SER A 219 2.50 -22.29 12.09
C SER A 219 3.66 -21.40 11.63
N GLU A 220 4.87 -21.97 11.67
CA GLU A 220 6.03 -21.23 11.18
C GLU A 220 5.86 -20.87 9.70
N ILE A 221 5.31 -21.79 8.91
CA ILE A 221 5.12 -21.52 7.48
CA ILE A 221 5.13 -21.50 7.49
C ILE A 221 4.10 -20.39 7.29
N GLU A 222 3.07 -20.36 8.14
CA GLU A 222 2.08 -19.29 8.05
C GLU A 222 2.70 -17.94 8.42
N VAL A 223 3.53 -17.91 9.46
CA VAL A 223 4.18 -16.66 9.85
C VAL A 223 5.22 -16.25 8.81
N LEU A 224 5.89 -17.23 8.20
N LEU A 224 5.90 -17.23 8.20
CA LEU A 224 6.82 -16.94 7.10
CA LEU A 224 6.81 -16.91 7.11
C LEU A 224 6.09 -16.30 5.93
C LEU A 224 6.07 -16.27 5.94
N GLY A 225 4.93 -16.85 5.57
CA GLY A 225 4.15 -16.25 4.50
C GLY A 225 3.66 -14.87 4.85
N LEU A 226 3.17 -14.70 6.08
CA LEU A 226 2.75 -13.38 6.55
C LEU A 226 3.90 -12.38 6.48
N SER A 227 5.08 -12.78 6.98
CA SER A 227 6.22 -11.88 7.01
C SER A 227 6.62 -11.45 5.60
N HIS A 228 6.66 -12.40 4.67
CA HIS A 228 6.92 -12.07 3.27
CA HIS A 228 6.91 -12.07 3.27
C HIS A 228 5.89 -11.07 2.76
N LEU A 229 4.61 -11.32 3.03
CA LEU A 229 3.58 -10.41 2.54
C LEU A 229 3.73 -9.02 3.13
N LEU A 230 3.99 -8.91 4.44
CA LEU A 230 4.14 -7.59 5.03
C LEU A 230 5.27 -6.82 4.36
N ILE A 231 6.36 -7.53 4.03
CA ILE A 231 7.52 -6.87 3.44
C ILE A 231 7.22 -6.44 2.01
N LEU A 232 6.47 -7.26 1.28
CA LEU A 232 6.22 -6.98 -0.13
C LEU A 232 5.03 -6.04 -0.33
N ALA A 233 4.04 -6.04 0.58
CA ALA A 233 2.84 -5.24 0.42
C ALA A 233 2.76 -4.03 1.34
N GLY A 234 3.50 -4.01 2.44
CA GLY A 234 3.31 -3.01 3.46
C GLY A 234 4.32 -1.89 3.48
N LEU A 235 5.35 -1.94 2.65
CA LEU A 235 6.44 -0.98 2.71
C LEU A 235 6.43 -0.04 1.52
N ASP A 236 6.48 -0.57 0.30
CA ASP A 236 6.50 0.30 -0.87
C ASP A 236 5.21 1.10 -0.98
N THR A 237 4.09 0.58 -0.46
CA THR A 237 2.85 1.35 -0.43
C THR A 237 3.02 2.63 0.37
N VAL A 238 3.66 2.54 1.54
CA VAL A 238 3.89 3.73 2.34
C VAL A 238 4.93 4.63 1.67
N THR A 239 5.96 4.04 1.06
CA THR A 239 6.91 4.83 0.27
C THR A 239 6.19 5.73 -0.72
N ALA A 240 5.27 5.16 -1.50
CA ALA A 240 4.56 5.94 -2.49
C ALA A 240 3.80 7.08 -1.85
N ALA A 241 3.11 6.80 -0.73
CA ALA A 241 2.32 7.83 -0.07
C ALA A 241 3.19 8.92 0.55
N VAL A 242 4.37 8.58 1.06
CA VAL A 242 5.28 9.61 1.54
C VAL A 242 5.61 10.59 0.42
N GLY A 243 5.92 10.06 -0.77
CA GLY A 243 6.25 10.92 -1.88
C GLY A 243 5.13 11.88 -2.23
N PHE A 244 3.91 11.37 -2.35
CA PHE A 244 2.79 12.25 -2.69
C PHE A 244 2.49 13.24 -1.57
N SER A 245 2.68 12.85 -0.31
CA SER A 245 2.52 13.79 0.79
C SER A 245 3.49 14.96 0.68
N LEU A 246 4.78 14.64 0.49
CA LEU A 246 5.76 15.72 0.41
C LEU A 246 5.60 16.54 -0.87
N LEU A 247 5.18 15.93 -1.97
CA LEU A 247 4.92 16.69 -3.19
C LEU A 247 3.86 17.75 -2.95
N GLU A 248 2.72 17.36 -2.38
CA GLU A 248 1.63 18.32 -2.25
C GLU A 248 1.98 19.42 -1.26
N LEU A 249 2.70 19.07 -0.19
CA LEU A 249 3.16 20.08 0.75
C LEU A 249 4.15 21.04 0.10
N ALA A 250 5.05 20.52 -0.74
CA ALA A 250 6.05 21.37 -1.36
C ALA A 250 5.43 22.45 -2.23
N ARG A 251 4.24 22.23 -2.77
CA ARG A 251 3.65 23.21 -3.66
C ARG A 251 2.44 23.91 -3.06
N ARG A 252 2.22 23.79 -1.74
CA ARG A 252 1.12 24.45 -1.05
C ARG A 252 1.62 25.12 0.22
N PRO A 253 2.19 26.34 0.12
CA PRO A 253 2.79 26.95 1.31
C PRO A 253 1.83 27.20 2.47
N GLN A 254 0.60 27.63 2.20
CA GLN A 254 -0.31 27.88 3.32
C GLN A 254 -0.77 26.59 3.97
N LEU A 255 -0.90 25.51 3.19
CA LEU A 255 -1.20 24.21 3.78
C LEU A 255 -0.07 23.76 4.70
N ARG A 256 1.18 23.88 4.24
CA ARG A 256 2.34 23.61 5.10
C ARG A 256 2.23 24.35 6.42
N ALA A 257 1.95 25.65 6.35
CA ALA A 257 1.87 26.45 7.56
C ALA A 257 0.79 25.93 8.49
N MET A 258 -0.35 25.56 7.92
CA MET A 258 -1.48 25.10 8.72
C MET A 258 -1.18 23.77 9.40
N LEU A 259 -0.47 22.88 8.70
CA LEU A 259 -0.26 21.53 9.21
C LEU A 259 0.84 21.41 10.26
N ARG A 260 1.79 22.34 10.29
CA ARG A 260 2.87 22.22 11.26
C ARG A 260 2.29 22.19 12.68
N ASP A 261 2.73 21.20 13.46
CA ASP A 261 2.27 21.03 14.85
C ASP A 261 0.75 20.91 14.92
N ASN A 262 0.12 20.32 13.91
CA ASN A 262 -1.34 20.23 13.82
C ASN A 262 -1.75 18.79 13.51
N PRO A 263 -1.59 17.89 14.47
CA PRO A 263 -1.90 16.47 14.20
C PRO A 263 -3.30 16.23 13.67
N LYS A 264 -4.28 17.00 14.13
CA LYS A 264 -5.66 16.78 13.68
C LYS A 264 -5.78 16.98 12.18
N GLN A 265 -5.19 18.06 11.65
CA GLN A 265 -5.30 18.33 10.22
C GLN A 265 -4.32 17.49 9.41
N ILE A 266 -3.20 17.10 10.00
CA ILE A 266 -2.30 16.17 9.31
C ILE A 266 -3.03 14.87 9.01
N ARG A 267 -3.83 14.39 9.98
CA ARG A 267 -4.61 13.18 9.74
C ARG A 267 -5.50 13.33 8.53
N VAL A 268 -6.17 14.49 8.42
CA VAL A 268 -7.07 14.75 7.30
C VAL A 268 -6.28 14.74 5.99
N PHE A 269 -5.13 15.41 5.99
CA PHE A 269 -4.28 15.48 4.81
C PHE A 269 -3.86 14.10 4.33
N ILE A 270 -3.42 13.24 5.25
CA ILE A 270 -3.00 11.89 4.89
C ILE A 270 -4.16 11.11 4.30
N GLU A 271 -5.37 11.26 4.85
CA GLU A 271 -6.52 10.58 4.26
C GLU A 271 -6.73 11.02 2.82
N GLU A 272 -6.53 12.31 2.55
CA GLU A 272 -6.67 12.82 1.18
C GLU A 272 -5.61 12.24 0.25
N ILE A 273 -4.38 12.12 0.73
CA ILE A 273 -3.31 11.56 -0.10
C ILE A 273 -3.62 10.11 -0.45
N VAL A 274 -4.12 9.32 0.51
CA VAL A 274 -4.42 7.93 0.21
C VAL A 274 -5.65 7.84 -0.67
N ARG A 275 -6.60 8.76 -0.50
CA ARG A 275 -7.78 8.76 -1.37
C ARG A 275 -7.40 9.04 -2.81
N LEU A 276 -6.56 10.05 -3.02
CA LEU A 276 -6.26 10.54 -4.36
C LEU A 276 -5.15 9.77 -5.07
N GLU A 277 -4.17 9.27 -4.32
CA GLU A 277 -3.06 8.51 -4.88
C GLU A 277 -2.89 7.18 -4.15
N PRO A 278 -3.92 6.33 -4.16
CA PRO A 278 -3.80 5.04 -3.48
C PRO A 278 -2.68 4.24 -4.10
N SER A 279 -1.85 3.66 -3.23
CA SER A 279 -0.64 3.00 -3.71
C SER A 279 -0.94 1.70 -4.45
N ALA A 280 -2.11 1.11 -4.22
CA ALA A 280 -2.57 -0.09 -4.91
C ALA A 280 -3.96 0.22 -5.43
N PRO A 281 -4.06 0.88 -6.59
CA PRO A 281 -5.33 1.50 -6.99
C PRO A 281 -6.39 0.53 -7.49
N VAL A 282 -6.05 -0.74 -7.73
CA VAL A 282 -7.01 -1.75 -8.14
C VAL A 282 -6.78 -3.02 -7.32
N ALA A 283 -7.85 -3.78 -7.13
CA ALA A 283 -7.78 -5.07 -6.45
C ALA A 283 -8.26 -6.17 -7.39
N PRO A 284 -7.48 -7.25 -7.54
CA PRO A 284 -7.89 -8.34 -8.44
C PRO A 284 -8.74 -9.36 -7.73
N ARG A 285 -9.70 -9.90 -8.48
CA ARG A 285 -10.55 -10.99 -8.02
C ARG A 285 -10.86 -11.89 -9.22
N VAL A 286 -11.36 -13.09 -8.92
CA VAL A 286 -11.89 -13.99 -9.95
C VAL A 286 -13.27 -14.42 -9.52
N THR A 287 -14.24 -14.33 -10.42
CA THR A 287 -15.61 -14.67 -10.07
C THR A 287 -15.78 -16.18 -9.92
N THR A 288 -16.71 -16.58 -9.05
CA THR A 288 -16.99 -17.97 -8.77
C THR A 288 -18.36 -18.41 -9.28
N GLU A 289 -19.11 -17.49 -9.86
CA GLU A 289 -20.41 -17.76 -10.46
C GLU A 289 -20.72 -16.61 -11.41
N PRO A 290 -21.68 -16.77 -12.32
CA PRO A 290 -22.02 -15.66 -13.19
C PRO A 290 -22.47 -14.45 -12.40
N VAL A 291 -22.05 -13.27 -12.86
CA VAL A 291 -22.46 -12.01 -12.27
C VAL A 291 -22.87 -11.08 -13.40
N THR A 292 -23.80 -10.18 -13.10
CA THR A 292 -24.24 -9.17 -14.05
C THR A 292 -23.86 -7.80 -13.51
N VAL A 293 -23.03 -7.08 -14.26
CA VAL A 293 -22.52 -5.77 -13.88
C VAL A 293 -22.83 -4.80 -15.00
N GLY A 294 -23.62 -3.77 -14.69
CA GLY A 294 -24.02 -2.83 -15.71
C GLY A 294 -24.76 -3.48 -16.85
N GLY A 295 -25.57 -4.50 -16.56
CA GLY A 295 -26.27 -5.24 -17.57
C GLY A 295 -25.44 -6.24 -18.33
N MET A 296 -24.14 -6.30 -18.05
CA MET A 296 -23.24 -7.23 -18.72
C MET A 296 -23.03 -8.46 -17.85
N THR A 297 -23.28 -9.64 -18.42
CA THR A 297 -23.07 -10.89 -17.69
C THR A 297 -21.68 -11.42 -17.96
N LEU A 298 -20.92 -11.63 -16.90
CA LEU A 298 -19.61 -12.23 -16.97
C LEU A 298 -19.69 -13.67 -16.52
N PRO A 299 -19.15 -14.63 -17.28
CA PRO A 299 -19.20 -16.03 -16.86
C PRO A 299 -18.41 -16.29 -15.59
N ALA A 300 -18.71 -17.42 -14.96
CA ALA A 300 -17.93 -17.86 -13.83
C ALA A 300 -16.46 -17.98 -14.22
N GLY A 301 -15.58 -17.68 -13.27
CA GLY A 301 -14.16 -17.75 -13.52
C GLY A 301 -13.59 -16.54 -14.22
N SER A 302 -14.31 -15.42 -14.24
CA SER A 302 -13.86 -14.22 -14.95
C SER A 302 -12.86 -13.46 -14.11
N PRO A 303 -11.73 -13.03 -14.67
CA PRO A 303 -10.76 -12.22 -13.94
C PRO A 303 -11.20 -10.77 -13.95
N VAL A 304 -11.34 -10.17 -12.77
CA VAL A 304 -11.83 -8.80 -12.66
C VAL A 304 -10.85 -7.99 -11.82
N ARG A 305 -10.75 -6.71 -12.16
CA ARG A 305 -9.98 -5.76 -11.38
C ARG A 305 -10.93 -4.67 -10.91
N LEU A 306 -10.97 -4.46 -9.60
CA LEU A 306 -11.89 -3.52 -8.99
C LEU A 306 -11.19 -2.18 -8.79
N CYS A 307 -11.81 -1.10 -9.26
CA CYS A 307 -11.10 0.18 -9.44
C CYS A 307 -11.39 1.13 -8.27
N MET A 308 -10.73 0.86 -7.13
CA MET A 308 -10.95 1.71 -5.96
C MET A 308 -10.54 3.16 -6.23
N ALA A 309 -9.38 3.39 -6.87
CA ALA A 309 -8.92 4.75 -7.06
C ALA A 309 -9.89 5.54 -7.91
N ALA A 310 -10.48 4.91 -8.92
CA ALA A 310 -11.47 5.59 -9.74
C ALA A 310 -12.69 5.96 -8.91
N VAL A 311 -13.16 5.02 -8.08
CA VAL A 311 -14.34 5.28 -7.25
C VAL A 311 -14.10 6.48 -6.34
N ASN A 312 -12.89 6.57 -5.77
CA ASN A 312 -12.54 7.66 -4.87
C ASN A 312 -12.67 9.02 -5.52
N ARG A 313 -12.70 9.07 -6.85
CA ARG A 313 -12.70 10.32 -7.61
C ARG A 313 -13.95 10.46 -8.47
N ASP A 314 -15.00 9.71 -8.19
CA ASP A 314 -16.10 9.60 -9.14
C ASP A 314 -17.08 10.77 -9.08
N GLY A 315 -16.84 11.75 -8.20
CA GLY A 315 -17.64 12.95 -8.19
C GLY A 315 -19.02 12.80 -7.61
N SER A 316 -19.32 11.67 -6.99
CA SER A 316 -20.67 11.38 -6.52
C SER A 316 -21.03 12.15 -5.25
N ASP A 317 -20.06 12.71 -4.55
CA ASP A 317 -20.31 13.55 -3.40
C ASP A 317 -19.09 14.45 -3.23
N ALA A 318 -19.18 15.36 -2.25
CA ALA A 318 -18.09 16.30 -2.01
C ALA A 318 -16.82 15.62 -1.52
N MET A 319 -16.89 14.36 -1.11
CA MET A 319 -15.73 13.64 -0.60
C MET A 319 -15.07 12.77 -1.66
N SER A 320 -15.44 12.94 -2.92
CA SER A 320 -15.00 12.04 -3.99
C SER A 320 -14.64 12.82 -5.24
N THR A 321 -14.01 13.98 -5.07
CA THR A 321 -13.61 14.81 -6.20
C THR A 321 -12.14 14.56 -6.56
N ASP A 322 -11.72 15.12 -7.68
CA ASP A 322 -10.33 15.07 -8.12
C ASP A 322 -9.43 16.07 -7.39
N GLU A 323 -9.96 16.83 -6.45
CA GLU A 323 -9.19 17.85 -5.74
C GLU A 323 -8.82 17.39 -4.34
N LEU A 324 -7.72 17.95 -3.84
CA LEU A 324 -7.41 17.89 -2.41
C LEU A 324 -8.40 18.77 -1.65
N VAL A 325 -9.12 18.15 -0.72
CA VAL A 325 -10.18 18.82 0.04
C VAL A 325 -9.85 18.68 1.52
N MET A 326 -9.43 19.77 2.13
CA MET A 326 -8.96 19.78 3.51
C MET A 326 -10.09 20.03 4.51
N ASP A 327 -11.20 20.61 4.06
CA ASP A 327 -12.33 20.92 4.92
C ASP A 327 -13.41 19.86 4.72
N GLY A 328 -14.61 20.15 5.23
CA GLY A 328 -15.66 19.15 5.23
C GLY A 328 -15.57 18.29 6.48
N LYS A 329 -16.72 18.05 7.12
CA LYS A 329 -16.72 17.34 8.39
C LYS A 329 -16.33 15.87 8.25
N VAL A 330 -16.43 15.31 7.04
CA VAL A 330 -16.23 13.88 6.82
C VAL A 330 -15.18 13.68 5.74
N HIS A 331 -14.25 12.76 6.00
CA HIS A 331 -13.32 12.27 4.99
C HIS A 331 -13.41 10.75 4.98
N ARG A 332 -13.66 10.18 3.80
CA ARG A 332 -13.79 8.74 3.67
C ARG A 332 -13.41 8.34 2.24
N HIS A 333 -12.97 7.10 2.07
CA HIS A 333 -12.44 6.64 0.78
C HIS A 333 -12.15 5.15 0.86
N TRP A 334 -11.80 4.58 -0.29
CA TRP A 334 -11.46 3.16 -0.42
C TRP A 334 -10.03 2.95 -0.91
N GLY A 335 -9.15 3.90 -0.60
CA GLY A 335 -7.74 3.73 -0.89
C GLY A 335 -7.08 2.59 -0.15
N PHE A 336 -7.65 2.17 0.98
CA PHE A 336 -7.18 0.98 1.68
C PHE A 336 -8.00 -0.25 1.33
N GLY A 337 -8.79 -0.19 0.25
CA GLY A 337 -9.63 -1.31 -0.10
C GLY A 337 -10.97 -1.23 0.60
N GLY A 338 -11.63 -2.38 0.64
CA GLY A 338 -12.93 -2.50 1.29
C GLY A 338 -13.29 -3.96 1.42
N GLY A 339 -14.37 -4.23 2.14
CA GLY A 339 -14.73 -5.59 2.42
C GLY A 339 -13.73 -6.24 3.36
N PRO A 340 -13.72 -7.57 3.43
CA PRO A 340 -12.95 -8.23 4.49
C PRO A 340 -11.44 -8.11 4.32
N HIS A 341 -10.95 -7.88 3.10
CA HIS A 341 -9.51 -7.76 2.87
C HIS A 341 -9.00 -6.34 3.03
N ARG A 342 -9.83 -5.41 3.46
CA ARG A 342 -9.40 -4.02 3.66
C ARG A 342 -8.07 -4.02 4.41
N CYS A 343 -7.12 -3.24 3.90
CA CYS A 343 -5.74 -3.25 4.37
C CYS A 343 -5.59 -3.49 5.86
N LEU A 344 -4.98 -4.62 6.21
CA LEU A 344 -4.65 -4.93 7.61
C LEU A 344 -3.79 -3.83 8.22
N GLY A 345 -2.92 -3.22 7.43
CA GLY A 345 -2.01 -2.21 7.92
C GLY A 345 -2.47 -0.77 7.77
N SER A 346 -3.77 -0.54 7.56
CA SER A 346 -4.25 0.82 7.33
C SER A 346 -3.93 1.73 8.52
N HIS A 347 -4.09 1.22 9.73
CA HIS A 347 -3.83 2.06 10.89
C HIS A 347 -2.33 2.33 11.04
N LEU A 348 -1.50 1.33 10.71
CA LEU A 348 -0.06 1.55 10.72
C LEU A 348 0.35 2.55 9.66
N ALA A 349 -0.18 2.42 8.45
CA ALA A 349 0.12 3.38 7.39
C ALA A 349 -0.23 4.80 7.83
N ARG A 350 -1.42 4.98 8.41
CA ARG A 350 -1.81 6.30 8.91
C ARG A 350 -0.83 6.80 9.96
N LEU A 351 -0.49 5.96 10.92
CA LEU A 351 0.45 6.36 11.96
CA LEU A 351 0.45 6.36 11.96
C LEU A 351 1.77 6.80 11.36
N GLU A 352 2.32 6.00 10.46
CA GLU A 352 3.63 6.30 9.88
C GLU A 352 3.59 7.57 9.04
N LEU A 353 2.54 7.72 8.21
CA LEU A 353 2.47 8.88 7.33
C LEU A 353 2.26 10.16 8.12
N THR A 354 1.42 10.14 9.16
CA THR A 354 1.21 11.34 9.96
C THR A 354 2.46 11.71 10.76
N LEU A 355 3.18 10.70 11.26
CA LEU A 355 4.46 10.94 11.92
C LEU A 355 5.44 11.60 10.97
N LEU A 356 5.59 11.04 9.77
CA LEU A 356 6.54 11.57 8.79
C LEU A 356 6.21 13.03 8.47
N VAL A 357 4.96 13.34 8.17
CA VAL A 357 4.59 14.72 7.81
C VAL A 357 4.87 15.65 8.99
N GLY A 358 4.47 15.24 10.20
CA GLY A 358 4.64 16.10 11.35
C GLY A 358 6.11 16.37 11.63
N GLU A 359 6.92 15.32 11.65
CA GLU A 359 8.32 15.52 12.00
C GLU A 359 9.07 16.20 10.87
N TRP A 360 8.66 15.99 9.61
CA TRP A 360 9.27 16.73 8.51
C TRP A 360 9.02 18.21 8.68
N LEU A 361 7.76 18.59 8.91
CA LEU A 361 7.44 20.01 9.04
C LEU A 361 8.06 20.62 10.29
N ASN A 362 8.30 19.82 11.34
CA ASN A 362 8.91 20.38 12.55
CA ASN A 362 8.91 20.38 12.55
C ASN A 362 10.31 20.91 12.25
N GLN A 363 11.08 20.20 11.44
CA GLN A 363 12.44 20.60 11.11
C GLN A 363 12.58 21.29 9.77
N ILE A 364 11.68 21.03 8.82
CA ILE A 364 11.75 21.60 7.48
C ILE A 364 10.38 22.19 7.17
N PRO A 365 10.01 23.27 7.86
CA PRO A 365 8.65 23.81 7.70
C PRO A 365 8.40 24.42 6.34
N ASP A 366 9.44 24.89 5.66
CA ASP A 366 9.30 25.56 4.37
CA ASP A 366 9.31 25.57 4.38
C ASP A 366 10.25 24.93 3.37
N PHE A 367 9.71 24.52 2.24
CA PHE A 367 10.50 23.87 1.18
C PHE A 367 9.68 23.94 -0.08
N GLU A 368 10.33 23.66 -1.19
CA GLU A 368 9.72 23.82 -2.50
C GLU A 368 10.28 22.78 -3.47
N LEU A 369 9.58 22.62 -4.59
CA LEU A 369 10.07 21.77 -5.65
C LEU A 369 11.28 22.40 -6.32
N ALA A 370 12.21 21.56 -6.75
CA ALA A 370 13.32 22.05 -7.54
C ALA A 370 12.82 22.61 -8.87
N PRO A 371 13.61 23.49 -9.50
CA PRO A 371 13.14 24.15 -10.73
C PRO A 371 12.85 23.18 -11.88
N ASP A 372 11.79 23.49 -12.63
CA ASP A 372 11.41 22.78 -13.84
CA ASP A 372 11.41 22.77 -13.84
C ASP A 372 11.19 21.28 -13.60
N TYR A 373 10.79 20.93 -12.39
CA TYR A 373 10.39 19.56 -12.08
C TYR A 373 8.89 19.43 -12.28
N ALA A 374 8.49 18.44 -13.05
CA ALA A 374 7.08 18.13 -13.27
C ALA A 374 6.82 16.73 -12.74
N PRO A 375 6.02 16.56 -11.70
CA PRO A 375 5.88 15.23 -11.09
C PRO A 375 5.19 14.24 -12.02
N GLU A 376 5.75 13.04 -12.10
CA GLU A 376 5.17 11.97 -12.90
C GLU A 376 5.43 10.64 -12.22
N ILE A 377 4.51 9.71 -12.43
CA ILE A 377 4.78 8.32 -12.14
C ILE A 377 5.29 7.64 -13.40
N ARG A 378 5.88 6.47 -13.24
CA ARG A 378 6.25 5.64 -14.37
C ARG A 378 5.04 4.81 -14.75
N PHE A 379 4.55 4.98 -15.98
CA PHE A 379 3.35 4.30 -16.41
C PHE A 379 3.49 3.86 -17.87
N PRO A 380 3.21 2.58 -18.19
CA PRO A 380 2.84 1.51 -17.26
C PRO A 380 4.03 0.99 -16.44
N SER A 381 3.79 0.54 -15.23
CA SER A 381 4.84 -0.08 -14.41
C SER A 381 4.18 -0.76 -13.22
N LYS A 382 5.00 -1.39 -12.39
CA LYS A 382 4.52 -2.04 -11.18
C LYS A 382 4.33 -1.08 -10.02
N SER A 383 4.53 0.21 -10.24
CA SER A 383 4.47 1.19 -9.16
C SER A 383 3.65 2.41 -9.59
N PHE A 384 2.81 2.90 -8.67
CA PHE A 384 2.15 4.18 -8.85
C PHE A 384 2.84 5.28 -8.04
N ALA A 385 4.09 5.07 -7.65
CA ALA A 385 4.86 6.07 -6.94
C ALA A 385 5.50 7.07 -7.91
N LEU A 386 5.77 8.26 -7.39
CA LEU A 386 6.58 9.21 -8.14
C LEU A 386 7.95 8.61 -8.48
N LYS A 387 8.45 8.95 -9.68
CA LYS A 387 9.78 8.51 -10.08
C LYS A 387 10.85 9.13 -9.20
N ASN A 388 10.70 10.40 -8.87
CA ASN A 388 11.64 11.13 -8.05
C ASN A 388 10.94 12.39 -7.58
N LEU A 389 11.54 13.04 -6.59
CA LEU A 389 10.94 14.22 -5.97
C LEU A 389 12.05 15.11 -5.44
N PRO A 390 12.56 16.02 -6.28
CA PRO A 390 13.66 16.90 -5.86
C PRO A 390 13.10 18.10 -5.09
N LEU A 391 13.54 18.23 -3.83
CA LEU A 391 13.08 19.26 -2.92
C LEU A 391 14.23 20.17 -2.55
N ARG A 392 13.91 21.44 -2.26
CA ARG A 392 14.89 22.46 -1.93
C ARG A 392 14.39 23.31 -0.77
N TRP A 393 15.29 23.74 0.10
CA TRP A 393 14.94 24.66 1.18
C TRP A 393 16.18 25.43 1.62
N SER A 394 15.95 26.44 2.45
CA SER A 394 17.01 27.31 2.98
C SER A 394 17.45 28.31 1.91
CHA HEM B . -4.22 -5.21 1.94
CHB HEM B . -3.40 -0.69 0.39
CHC HEM B . -0.02 -0.16 3.79
CHD HEM B . -0.42 -4.84 4.92
C1A HEM B . -4.33 -4.02 1.24
C2A HEM B . -5.33 -3.72 0.24
C3A HEM B . -5.10 -2.46 -0.18
C4A HEM B . -3.96 -1.94 0.54
CMA HEM B . -5.90 -1.69 -1.25
CAA HEM B . -6.46 -4.68 -0.22
CBA HEM B . -6.00 -5.65 -1.30
CGA HEM B . -7.11 -6.58 -1.75
O1A HEM B . -8.29 -6.37 -1.37
O2A HEM B . -6.78 -7.53 -2.51
C1B HEM B . -2.43 -0.15 1.19
C2B HEM B . -1.98 1.21 1.15
C3B HEM B . -1.02 1.36 2.07
C4B HEM B . -0.87 0.10 2.75
CMB HEM B . -2.51 2.26 0.16
CAB HEM B . -0.21 2.61 2.45
CBB HEM B . -0.63 3.86 2.23
C1C HEM B . 0.12 -1.37 4.42
C2C HEM B . 0.97 -1.61 5.56
C3C HEM B . 0.85 -2.91 5.89
C4C HEM B . -0.05 -3.52 4.93
CMC HEM B . 1.78 -0.52 6.29
CAC HEM B . 1.54 -3.69 7.02
CBC HEM B . 2.77 -3.38 7.45
C1D HEM B . -1.48 -5.34 4.21
C2D HEM B . -1.98 -6.69 4.29
C3D HEM B . -3.03 -6.81 3.46
C4D HEM B . -3.22 -5.51 2.85
CMD HEM B . -1.34 -7.77 5.19
CAD HEM B . -3.91 -8.05 3.18
CBD HEM B . -5.19 -8.00 4.03
CGD HEM B . -6.13 -9.13 3.70
O1D HEM B . -6.03 -9.67 2.57
O2D HEM B . -6.99 -9.43 4.55
NA HEM B . -3.52 -2.91 1.41
NB HEM B . -1.74 -0.82 2.19
NC HEM B . -0.49 -2.56 4.05
ND HEM B . -2.28 -4.64 3.33
FE HEM B . -2.03 -2.72 2.78
HHB HEM B . -3.73 -0.14 -0.35
HHC HEM B . 0.51 0.59 4.12
HHD HEM B . 0.11 -5.47 5.45
HMA HEM B . -5.70 -0.72 -1.17
HMAA HEM B . -6.86 -1.82 -1.11
HMAB HEM B . -5.65 -2.00 -2.14
HAA HEM B . -7.19 -4.14 -0.57
HAAA HEM B . -6.76 -5.19 0.55
HBA HEM B . -5.26 -6.18 -0.97
HBAA HEM B . -5.69 -5.14 -2.07
HMB HEM B . -2.75 1.82 -0.68
HMBA HEM B . -1.82 2.92 -0.02
HMBB HEM B . -3.29 2.69 0.53
HAB HEM B . 0.64 2.50 2.88
HBB HEM B . -0.08 4.61 2.48
HBBA HEM B . -1.49 4.00 1.80
HMC HEM B . 1.21 0.24 6.48
HMCA HEM B . 2.52 -0.24 5.73
HMCB HEM B . 2.13 -0.88 7.12
HAC HEM B . 1.08 -4.42 7.44
HBC HEM B . 3.18 -3.89 8.16
HBCA HEM B . 3.26 -2.64 7.05
HMD HEM B . -1.82 -8.61 5.08
HMDA HEM B . -1.38 -7.49 6.13
HMDB HEM B . -0.40 -7.90 4.92
HAD HEM B . -3.41 -8.85 3.40
HADA HEM B . -4.16 -8.06 2.24
HBD HEM B . -5.63 -7.15 3.88
HBDA HEM B . -4.93 -8.06 4.97
HHA HEM B . -4.88 -5.90 1.76
C1 PEG C . 0.88 -7.68 -2.71
O1 PEG C . 1.57 -6.68 -3.43
C2 PEG C . -0.58 -7.34 -2.56
O2 PEG C . -0.71 -5.95 -2.29
C3 PEG C . -1.91 -5.63 -1.61
C4 PEG C . -2.17 -4.17 -1.76
O4 PEG C . -1.08 -3.40 -1.28
H11 PEG C . 1.27 -7.77 -1.83
H12 PEG C . 0.95 -8.53 -3.18
HO1 PEG C . 1.43 -5.89 -3.15
H21 PEG C . -0.95 -7.85 -1.82
H22 PEG C . -1.04 -7.57 -3.38
H31 PEG C . -1.81 -5.85 -0.66
H32 PEG C . -2.65 -6.13 -1.97
H41 PEG C . -2.97 -3.93 -1.25
H42 PEG C . -2.32 -3.96 -2.69
HO4 PEG C . -0.38 -3.44 -1.77
C1 GOL D . 2.43 -2.94 -16.28
O1 GOL D . 1.57 -3.03 -15.19
C2 GOL D . 3.85 -3.28 -15.79
O2 GOL D . 3.97 -4.60 -15.39
C3 GOL D . 4.77 -2.93 -16.99
O3 GOL D . 6.08 -3.11 -16.54
H11 GOL D . 2.43 -2.05 -16.68
H12 GOL D . 2.18 -3.54 -17.00
HO1 GOL D . 1.95 -3.57 -14.64
H2 GOL D . 4.08 -2.74 -15.01
HO2 GOL D . 3.26 -5.01 -15.64
H31 GOL D . 4.58 -2.02 -17.28
H32 GOL D . 4.53 -3.50 -17.73
HO3 GOL D . 6.04 -3.26 -15.71
CL CL E . -1.47 -19.36 -1.10
CL CL F . 18.61 18.99 -10.43
CL CL F . 18.19 17.84 -8.99
CL CL G . 11.20 5.72 -14.89
CL CL H . 2.87 14.64 14.47
CL CL H . 2.57 17.02 14.71
CL CL I . 25.44 17.67 1.59
CL CL J . -16.86 2.33 4.10
#